data_9JJ2
#
_entry.id   9JJ2
#
_cell.length_a   1.00
_cell.length_b   1.00
_cell.length_c   1.00
_cell.angle_alpha   90.00
_cell.angle_beta   90.00
_cell.angle_gamma   90.00
#
_symmetry.space_group_name_H-M   'P 1'
#
_entity_poly.entity_id   1
_entity_poly.type   'polypeptide(L)'
_entity_poly.pdbx_seq_one_letter_code
;MEPSPAAGGLETTRLVSPRDRGGAGGSLRLKSLFTEPSEPLPEESKPVEMPFHHCHRDPLPPPGLTPERLHARRQLYAAC
AVCFVFMAGEVVGGYLAHSLAIMTDAAHLLADVGSMMGSLFSLWLSTRPATRTMTFGWHRSETLGALASVVSLWMVTGIL
LYLAFVRLLHSDYHIEGGAMLLTASIAVCANLLMAFVLHQAGPPHSHGSRGAEYAPLEEGPEEPLPLGNTSVRAAFVHVL
GDLLQSFGVLAASILIYFKPQYKAADPISTFLFSICALGSTAPTLRDVLRILMEGTPRNVGFEPVRDTLLSVPGVRATHE
LHLWALTLTYHVASAHLAIDSTADPEAVLAEASSRLYSRFGFSSCTLQVEQYQPEMAQCLRCQEPPQAGSIEGRIVKDYK
DDDDK
;
_entity_poly.pdbx_strand_id   A,B
#
# COMPACT_ATOMS: atom_id res chain seq x y z
N ALA A 78 -18.95 6.73 -18.51
CA ALA A 78 -20.01 6.05 -17.77
C ALA A 78 -20.05 4.56 -18.10
N ALA A 79 -18.88 3.95 -18.22
CA ALA A 79 -18.81 2.53 -18.55
C ALA A 79 -19.41 1.69 -17.43
N CYS A 80 -18.95 1.90 -16.19
CA CYS A 80 -19.50 1.15 -15.06
C CYS A 80 -20.88 1.62 -14.66
N ALA A 81 -21.39 2.71 -15.24
CA ALA A 81 -22.77 3.10 -14.96
C ALA A 81 -23.75 2.01 -15.40
N VAL A 82 -23.33 1.15 -16.34
CA VAL A 82 -24.17 0.03 -16.78
C VAL A 82 -23.57 -1.32 -16.42
N CYS A 83 -22.30 -1.39 -16.05
CA CYS A 83 -21.67 -2.64 -15.67
C CYS A 83 -21.55 -2.83 -14.17
N PHE A 84 -21.95 -1.84 -13.36
CA PHE A 84 -22.09 -2.10 -11.94
C PHE A 84 -23.33 -2.92 -11.65
N VAL A 85 -24.45 -2.61 -12.33
CA VAL A 85 -25.62 -3.46 -12.24
C VAL A 85 -25.36 -4.81 -12.90
N PHE A 86 -24.60 -4.80 -14.00
CA PHE A 86 -24.22 -6.06 -14.64
C PHE A 86 -23.36 -6.90 -13.70
N MET A 87 -22.48 -6.26 -12.93
CA MET A 87 -21.72 -6.97 -11.91
C MET A 87 -22.63 -7.66 -10.91
N ALA A 88 -23.76 -7.04 -10.58
CA ALA A 88 -24.70 -7.68 -9.66
C ALA A 88 -25.16 -9.01 -10.20
N GLY A 89 -25.42 -9.10 -11.51
CA GLY A 89 -25.83 -10.36 -12.11
C GLY A 89 -24.78 -11.45 -11.98
N GLU A 90 -23.51 -11.08 -11.99
CA GLU A 90 -22.45 -12.06 -11.79
C GLU A 90 -22.53 -12.70 -10.41
N VAL A 91 -22.75 -11.89 -9.38
CA VAL A 91 -22.75 -12.43 -8.02
C VAL A 91 -23.95 -13.33 -7.80
N VAL A 92 -25.15 -12.88 -8.18
CA VAL A 92 -26.33 -13.71 -7.97
C VAL A 92 -26.32 -14.90 -8.92
N GLY A 93 -25.99 -14.66 -10.20
CA GLY A 93 -25.97 -15.75 -11.17
C GLY A 93 -24.99 -16.84 -10.80
N GLY A 94 -23.80 -16.46 -10.33
CA GLY A 94 -22.86 -17.43 -9.85
C GLY A 94 -23.30 -18.10 -8.56
N TYR A 95 -24.12 -17.41 -7.77
CA TYR A 95 -24.65 -18.03 -6.56
C TYR A 95 -25.63 -19.16 -6.90
N LEU A 96 -26.57 -18.89 -7.80
CA LEU A 96 -27.51 -19.93 -8.21
C LEU A 96 -26.79 -21.07 -8.92
N ALA A 97 -25.82 -20.73 -9.79
CA ALA A 97 -25.09 -21.74 -10.52
C ALA A 97 -24.08 -22.48 -9.66
N HIS A 98 -23.79 -21.97 -8.44
CA HIS A 98 -22.76 -22.55 -7.57
C HIS A 98 -21.44 -22.68 -8.31
N SER A 99 -21.09 -21.66 -9.08
CA SER A 99 -19.93 -21.70 -9.94
C SER A 99 -18.83 -20.78 -9.43
N LEU A 100 -17.60 -21.06 -9.86
CA LEU A 100 -16.44 -20.28 -9.49
C LEU A 100 -15.79 -19.56 -10.65
N ALA A 101 -16.03 -19.99 -11.89
CA ALA A 101 -15.55 -19.23 -13.04
C ALA A 101 -16.25 -17.88 -13.13
N ILE A 102 -17.54 -17.84 -12.82
CA ILE A 102 -18.23 -16.56 -12.74
C ILE A 102 -17.60 -15.68 -11.68
N MET A 103 -17.09 -16.29 -10.61
CA MET A 103 -16.37 -15.51 -9.59
C MET A 103 -15.11 -14.89 -10.15
N THR A 104 -14.37 -15.60 -11.01
CA THR A 104 -13.18 -14.97 -11.60
C THR A 104 -13.55 -13.90 -12.61
N ASP A 105 -14.65 -14.08 -13.35
CA ASP A 105 -15.16 -13.00 -14.19
C ASP A 105 -15.47 -11.77 -13.34
N ALA A 106 -16.16 -11.98 -12.22
CA ALA A 106 -16.48 -10.88 -11.33
C ALA A 106 -15.22 -10.27 -10.71
N ALA A 107 -14.18 -11.08 -10.50
CA ALA A 107 -12.92 -10.54 -9.98
C ALA A 107 -12.24 -9.63 -10.99
N HIS A 108 -12.22 -10.04 -12.26
CA HIS A 108 -11.67 -9.16 -13.30
C HIS A 108 -12.49 -7.87 -13.39
N LEU A 109 -13.81 -8.00 -13.36
CA LEU A 109 -14.66 -6.81 -13.39
C LEU A 109 -14.42 -5.93 -12.18
N LEU A 110 -14.18 -6.55 -11.01
CA LEU A 110 -13.88 -5.78 -9.81
C LEU A 110 -12.56 -5.03 -9.95
N ALA A 111 -11.56 -5.67 -10.56
CA ALA A 111 -10.30 -4.98 -10.79
C ALA A 111 -10.50 -3.75 -11.65
N ASP A 112 -11.24 -3.89 -12.74
CA ASP A 112 -11.49 -2.75 -13.63
C ASP A 112 -12.31 -1.67 -12.91
N VAL A 113 -13.36 -2.10 -12.17
CA VAL A 113 -14.21 -1.16 -11.46
C VAL A 113 -13.39 -0.37 -10.46
N GLY A 114 -12.60 -1.06 -9.64
CA GLY A 114 -11.78 -0.37 -8.66
C GLY A 114 -10.77 0.55 -9.31
N SER A 115 -10.15 0.12 -10.41
CA SER A 115 -9.13 0.94 -11.05
C SER A 115 -9.72 2.27 -11.51
N MET A 116 -10.82 2.23 -12.28
CA MET A 116 -11.23 3.53 -12.79
C MET A 116 -12.17 4.27 -11.85
N MET A 117 -12.78 3.61 -10.87
CA MET A 117 -13.43 4.34 -9.79
C MET A 117 -12.40 5.10 -8.97
N GLY A 118 -11.25 4.48 -8.69
CA GLY A 118 -10.16 5.19 -8.05
C GLY A 118 -9.63 6.31 -8.92
N SER A 119 -9.60 6.11 -10.24
CA SER A 119 -9.22 7.20 -11.14
C SER A 119 -10.17 8.39 -11.00
N LEU A 120 -11.48 8.12 -10.99
CA LEU A 120 -12.45 9.20 -10.85
C LEU A 120 -12.30 9.91 -9.50
N PHE A 121 -12.18 9.13 -8.43
CA PHE A 121 -12.02 9.70 -7.11
C PHE A 121 -10.74 10.51 -7.01
N SER A 122 -9.66 10.02 -7.62
CA SER A 122 -8.39 10.73 -7.60
C SER A 122 -8.48 12.03 -8.37
N LEU A 123 -9.21 12.05 -9.48
CA LEU A 123 -9.43 13.30 -10.20
C LEU A 123 -10.21 14.29 -9.34
N TRP A 124 -11.27 13.81 -8.69
CA TRP A 124 -12.07 14.69 -7.83
C TRP A 124 -11.26 15.21 -6.66
N LEU A 125 -10.30 14.43 -6.17
CA LEU A 125 -9.42 14.91 -5.12
C LEU A 125 -8.35 15.86 -5.65
N SER A 126 -7.89 15.63 -6.89
CA SER A 126 -6.83 16.44 -7.45
C SER A 126 -7.31 17.81 -7.85
N THR A 127 -8.60 17.96 -8.17
CA THR A 127 -9.10 19.30 -8.46
C THR A 127 -9.03 20.21 -7.24
N ARG A 128 -8.88 19.64 -6.03
CA ARG A 128 -8.74 20.41 -4.81
C ARG A 128 -7.33 21.01 -4.70
N PRO A 129 -7.20 22.16 -4.05
CA PRO A 129 -5.88 22.79 -3.91
C PRO A 129 -5.05 22.11 -2.83
N ALA A 130 -3.76 22.42 -2.84
CA ALA A 130 -2.83 21.88 -1.86
C ALA A 130 -2.92 22.68 -0.57
N THR A 131 -2.98 21.98 0.56
CA THR A 131 -3.13 22.59 1.86
C THR A 131 -1.78 22.70 2.57
N ARG A 132 -1.80 23.28 3.77
CA ARG A 132 -0.62 23.35 4.61
C ARG A 132 -0.15 21.98 5.07
N THR A 133 -1.00 20.97 5.02
CA THR A 133 -0.62 19.61 5.37
C THR A 133 -0.15 18.79 4.18
N MET A 134 -0.80 18.92 3.03
CA MET A 134 -0.41 18.20 1.82
C MET A 134 0.22 19.22 0.87
N THR A 135 1.54 19.40 1.02
CA THR A 135 2.24 20.43 0.26
C THR A 135 2.32 20.10 -1.23
N PHE A 136 2.24 18.84 -1.60
CA PHE A 136 2.28 18.42 -3.00
C PHE A 136 0.89 18.25 -3.60
N GLY A 137 -0.17 18.48 -2.83
CA GLY A 137 -1.51 18.26 -3.32
C GLY A 137 -1.99 16.86 -2.99
N TRP A 138 -2.86 16.30 -3.84
CA TRP A 138 -3.43 14.99 -3.60
C TRP A 138 -3.22 14.07 -4.79
N HIS A 139 -2.06 14.17 -5.44
CA HIS A 139 -1.81 13.39 -6.65
C HIS A 139 -1.41 11.95 -6.36
N ARG A 140 -1.15 11.61 -5.11
CA ARG A 140 -0.83 10.23 -4.76
C ARG A 140 -2.08 9.38 -4.59
N SER A 141 -3.26 9.98 -4.69
CA SER A 141 -4.50 9.22 -4.59
C SER A 141 -4.64 8.23 -5.74
N GLU A 142 -4.13 8.58 -6.93
CA GLU A 142 -4.14 7.63 -8.03
C GLU A 142 -3.38 6.35 -7.68
N THR A 143 -2.16 6.51 -7.17
CA THR A 143 -1.35 5.35 -6.83
C THR A 143 -1.98 4.58 -5.67
N LEU A 144 -2.51 5.29 -4.68
CA LEU A 144 -3.13 4.60 -3.55
C LEU A 144 -4.35 3.80 -3.99
N GLY A 145 -5.17 4.37 -4.88
CA GLY A 145 -6.33 3.65 -5.39
C GLY A 145 -5.93 2.45 -6.24
N ALA A 146 -4.89 2.60 -7.06
CA ALA A 146 -4.41 1.46 -7.83
C ALA A 146 -3.92 0.35 -6.92
N LEU A 147 -3.18 0.69 -5.86
CA LEU A 147 -2.71 -0.31 -4.92
C LEU A 147 -3.88 -0.98 -4.21
N ALA A 148 -4.89 -0.20 -3.83
CA ALA A 148 -6.07 -0.79 -3.19
C ALA A 148 -6.80 -1.73 -4.12
N SER A 149 -6.92 -1.37 -5.39
CA SER A 149 -7.58 -2.25 -6.36
C SER A 149 -6.80 -3.54 -6.53
N VAL A 150 -5.47 -3.45 -6.59
CA VAL A 150 -4.66 -4.67 -6.70
C VAL A 150 -4.82 -5.53 -5.46
N VAL A 151 -4.84 -4.90 -4.28
CA VAL A 151 -4.99 -5.66 -3.04
C VAL A 151 -6.33 -6.38 -3.01
N SER A 152 -7.40 -5.71 -3.44
CA SER A 152 -8.71 -6.36 -3.48
C SER A 152 -8.74 -7.48 -4.52
N LEU A 153 -8.06 -7.29 -5.64
CA LEU A 153 -7.99 -8.37 -6.62
C LEU A 153 -7.31 -9.59 -6.04
N TRP A 154 -6.23 -9.39 -5.28
CA TRP A 154 -5.57 -10.53 -4.63
C TRP A 154 -6.43 -11.12 -3.53
N MET A 155 -7.19 -10.30 -2.81
CA MET A 155 -8.27 -10.77 -1.94
C MET A 155 -9.10 -11.84 -2.62
N VAL A 156 -9.77 -11.43 -3.71
CA VAL A 156 -10.68 -12.33 -4.40
C VAL A 156 -9.95 -13.53 -4.97
N THR A 157 -8.76 -13.30 -5.54
CA THR A 157 -8.02 -14.39 -6.16
C THR A 157 -7.63 -15.45 -5.14
N GLY A 158 -7.15 -15.03 -3.97
CA GLY A 158 -6.80 -15.99 -2.93
C GLY A 158 -8.01 -16.74 -2.40
N ILE A 159 -9.13 -16.03 -2.20
CA ILE A 159 -10.34 -16.70 -1.73
C ILE A 159 -10.78 -17.76 -2.73
N LEU A 160 -10.78 -17.40 -4.02
CA LEU A 160 -11.17 -18.35 -5.05
C LEU A 160 -10.19 -19.49 -5.19
N LEU A 161 -8.89 -19.22 -5.00
CA LEU A 161 -7.89 -20.28 -5.04
C LEU A 161 -8.16 -21.30 -3.94
N TYR A 162 -8.42 -20.82 -2.72
CA TYR A 162 -8.72 -21.74 -1.62
C TYR A 162 -10.00 -22.52 -1.90
N LEU A 163 -11.03 -21.84 -2.39
CA LEU A 163 -12.30 -22.51 -2.65
C LEU A 163 -12.14 -23.58 -3.73
N ALA A 164 -11.39 -23.28 -4.79
CA ALA A 164 -11.18 -24.26 -5.85
C ALA A 164 -10.35 -25.44 -5.35
N PHE A 165 -9.33 -25.17 -4.53
CA PHE A 165 -8.53 -26.25 -3.98
C PHE A 165 -9.36 -27.18 -3.11
N VAL A 166 -10.27 -26.60 -2.31
CA VAL A 166 -11.18 -27.42 -1.52
C VAL A 166 -12.10 -28.22 -2.44
N ARG A 167 -12.63 -27.57 -3.48
CA ARG A 167 -13.60 -28.23 -4.36
C ARG A 167 -12.96 -29.37 -5.13
N LEU A 168 -11.67 -29.29 -5.42
CA LEU A 168 -11.03 -30.34 -6.21
C LEU A 168 -10.95 -31.65 -5.44
N LEU A 169 -10.24 -31.65 -4.30
CA LEU A 169 -10.04 -32.89 -3.57
C LEU A 169 -11.32 -33.36 -2.90
N HIS A 170 -12.17 -32.43 -2.45
CA HIS A 170 -13.52 -32.76 -1.99
C HIS A 170 -14.46 -32.64 -3.18
N SER A 171 -14.58 -33.72 -3.95
CA SER A 171 -15.39 -33.71 -5.16
C SER A 171 -16.85 -34.04 -4.81
N ASP A 172 -17.47 -33.11 -4.07
CA ASP A 172 -18.88 -33.23 -3.69
C ASP A 172 -19.48 -31.83 -3.76
N TYR A 173 -20.05 -31.50 -4.93
CA TYR A 173 -20.73 -30.23 -5.11
C TYR A 173 -21.66 -30.35 -6.31
N HIS A 174 -22.67 -29.48 -6.34
CA HIS A 174 -23.66 -29.47 -7.41
C HIS A 174 -23.47 -28.21 -8.24
N ILE A 175 -23.23 -28.39 -9.54
CA ILE A 175 -23.05 -27.30 -10.48
C ILE A 175 -23.96 -27.56 -11.69
N GLU A 176 -24.77 -26.58 -12.04
CA GLU A 176 -25.66 -26.67 -13.18
C GLU A 176 -25.40 -25.52 -14.13
N GLY A 177 -25.48 -25.80 -15.43
CA GLY A 177 -25.23 -24.79 -16.44
C GLY A 177 -26.41 -23.89 -16.73
N GLY A 178 -27.58 -24.21 -16.20
CA GLY A 178 -28.78 -23.42 -16.46
C GLY A 178 -28.69 -21.99 -16.01
N ALA A 179 -27.73 -21.68 -15.15
CA ALA A 179 -27.36 -20.31 -14.84
C ALA A 179 -25.94 -19.96 -15.29
N MET A 180 -25.04 -20.94 -15.33
CA MET A 180 -23.67 -20.68 -15.74
C MET A 180 -23.61 -20.11 -17.15
N LEU A 181 -24.35 -20.73 -18.08
CA LEU A 181 -24.29 -20.31 -19.47
C LEU A 181 -24.80 -18.87 -19.62
N LEU A 182 -25.93 -18.57 -18.98
CA LEU A 182 -26.51 -17.23 -19.10
C LEU A 182 -25.62 -16.17 -18.47
N THR A 183 -25.04 -16.47 -17.30
CA THR A 183 -24.17 -15.47 -16.68
C THR A 183 -22.88 -15.29 -17.46
N ALA A 184 -22.34 -16.35 -18.06
CA ALA A 184 -21.16 -16.20 -18.90
C ALA A 184 -21.48 -15.38 -20.15
N SER A 185 -22.66 -15.58 -20.72
CA SER A 185 -23.08 -14.75 -21.86
C SER A 185 -23.18 -13.29 -21.44
N ILE A 186 -23.78 -13.03 -20.28
CA ILE A 186 -23.87 -11.67 -19.78
C ILE A 186 -22.48 -11.07 -19.63
N ALA A 187 -21.55 -11.87 -19.10
CA ALA A 187 -20.17 -11.40 -18.92
C ALA A 187 -19.53 -11.06 -20.24
N VAL A 188 -19.72 -11.89 -21.27
CA VAL A 188 -19.03 -11.63 -22.53
C VAL A 188 -19.61 -10.41 -23.22
N CYS A 189 -20.93 -10.21 -23.17
CA CYS A 189 -21.48 -8.98 -23.74
C CYS A 189 -21.05 -7.76 -22.94
N ALA A 190 -20.94 -7.87 -21.62
CA ALA A 190 -20.44 -6.75 -20.83
C ALA A 190 -19.01 -6.41 -21.21
N ASN A 191 -18.17 -7.43 -21.41
CA ASN A 191 -16.79 -7.18 -21.80
C ASN A 191 -16.73 -6.56 -23.19
N LEU A 192 -17.59 -7.00 -24.10
CA LEU A 192 -17.64 -6.39 -25.43
C LEU A 192 -18.05 -4.92 -25.34
N LEU A 193 -19.03 -4.61 -24.50
CA LEU A 193 -19.44 -3.22 -24.33
C LEU A 193 -18.31 -2.37 -23.74
N MET A 194 -17.57 -2.93 -22.78
CA MET A 194 -16.44 -2.19 -22.23
C MET A 194 -15.34 -1.99 -23.27
N ALA A 195 -15.12 -2.99 -24.14
CA ALA A 195 -14.16 -2.82 -25.22
C ALA A 195 -14.61 -1.71 -26.17
N PHE A 196 -15.90 -1.67 -26.48
CA PHE A 196 -16.44 -0.60 -27.32
C PHE A 196 -16.23 0.77 -26.65
N VAL A 197 -16.47 0.84 -25.34
CA VAL A 197 -16.26 2.10 -24.62
C VAL A 197 -14.80 2.52 -24.68
N LEU A 198 -13.89 1.56 -24.49
CA LEU A 198 -12.46 1.86 -24.59
C LEU A 198 -12.11 2.36 -25.98
N HIS A 199 -12.68 1.76 -27.01
CA HIS A 199 -12.49 2.20 -28.38
C HIS A 199 -12.95 3.64 -28.56
N VAL A 237 -1.55 -4.15 -23.78
CA VAL A 237 -2.82 -3.85 -23.15
C VAL A 237 -3.51 -5.17 -22.81
N HIS A 238 -4.37 -5.15 -21.77
CA HIS A 238 -4.96 -6.37 -21.23
C HIS A 238 -6.41 -6.57 -21.67
N VAL A 239 -6.93 -5.73 -22.57
CA VAL A 239 -8.30 -5.93 -23.03
C VAL A 239 -8.43 -7.23 -23.80
N LEU A 240 -7.46 -7.55 -24.65
CA LEU A 240 -7.52 -8.82 -25.38
C LEU A 240 -7.39 -10.01 -24.43
N GLY A 241 -6.59 -9.86 -23.37
CA GLY A 241 -6.54 -10.90 -22.36
C GLY A 241 -7.86 -11.08 -21.65
N ASP A 242 -8.55 -9.98 -21.37
CA ASP A 242 -9.87 -10.06 -20.75
C ASP A 242 -10.86 -10.75 -21.68
N LEU A 243 -10.83 -10.43 -22.97
CA LEU A 243 -11.70 -11.11 -23.93
C LEU A 243 -11.40 -12.60 -23.97
N LEU A 244 -10.12 -12.96 -23.99
CA LEU A 244 -9.75 -14.37 -24.01
C LEU A 244 -10.23 -15.09 -22.76
N GLN A 245 -10.08 -14.45 -21.59
CA GLN A 245 -10.50 -15.07 -20.34
C GLN A 245 -12.02 -15.23 -20.29
N SER A 246 -12.76 -14.22 -20.75
CA SER A 246 -14.21 -14.33 -20.79
C SER A 246 -14.67 -15.42 -21.75
N PHE A 247 -13.99 -15.53 -22.90
CA PHE A 247 -14.32 -16.60 -23.84
C PHE A 247 -14.00 -17.97 -23.25
N GLY A 248 -12.92 -18.07 -22.49
CA GLY A 248 -12.62 -19.33 -21.82
C GLY A 248 -13.68 -19.71 -20.80
N VAL A 249 -14.14 -18.74 -20.01
CA VAL A 249 -15.20 -19.01 -19.05
C VAL A 249 -16.47 -19.43 -19.78
N LEU A 250 -16.80 -18.76 -20.89
CA LEU A 250 -17.98 -19.13 -21.66
C LEU A 250 -17.85 -20.54 -22.22
N ALA A 251 -16.66 -20.90 -22.71
CA ALA A 251 -16.45 -22.26 -23.22
C ALA A 251 -16.62 -23.30 -22.12
N ALA A 252 -16.11 -23.00 -20.93
CA ALA A 252 -16.30 -23.90 -19.79
C ALA A 252 -17.77 -24.05 -19.45
N SER A 253 -18.52 -22.94 -19.50
CA SER A 253 -19.96 -23.02 -19.24
C SER A 253 -20.67 -23.88 -20.29
N ILE A 254 -20.29 -23.72 -21.56
CA ILE A 254 -20.90 -24.55 -22.61
C ILE A 254 -20.58 -26.02 -22.37
N LEU A 255 -19.34 -26.33 -22.00
CA LEU A 255 -18.99 -27.72 -21.75
C LEU A 255 -19.76 -28.28 -20.56
N ILE A 256 -19.90 -27.51 -19.50
CA ILE A 256 -20.61 -27.99 -18.32
C ILE A 256 -22.08 -28.23 -18.63
N TYR A 257 -22.72 -27.24 -19.26
CA TYR A 257 -24.16 -27.35 -19.52
C TYR A 257 -24.47 -28.47 -20.49
N PHE A 258 -23.65 -28.62 -21.54
CA PHE A 258 -23.92 -29.65 -22.54
C PHE A 258 -23.67 -31.05 -21.98
N LYS A 259 -22.60 -31.22 -21.21
CA LYS A 259 -22.22 -32.52 -20.65
C LYS A 259 -22.16 -32.40 -19.15
N PRO A 260 -23.27 -32.63 -18.45
CA PRO A 260 -23.26 -32.51 -16.99
C PRO A 260 -22.36 -33.52 -16.30
N GLN A 261 -22.00 -34.61 -16.97
CA GLN A 261 -21.17 -35.63 -16.34
C GLN A 261 -19.81 -35.07 -15.96
N TYR A 262 -19.24 -34.21 -16.81
CA TYR A 262 -18.05 -33.48 -16.42
C TYR A 262 -18.38 -32.48 -15.34
N LYS A 263 -17.53 -32.41 -14.32
CA LYS A 263 -17.75 -31.51 -13.20
C LYS A 263 -16.52 -30.72 -12.78
N ALA A 264 -15.32 -31.20 -13.08
CA ALA A 264 -14.09 -30.52 -12.68
C ALA A 264 -13.70 -29.39 -13.62
N ALA A 265 -14.59 -29.02 -14.55
CA ALA A 265 -14.29 -27.90 -15.43
C ALA A 265 -14.22 -26.59 -14.67
N ASP A 266 -15.10 -26.42 -13.67
CA ASP A 266 -15.13 -25.17 -12.92
C ASP A 266 -13.82 -24.87 -12.19
N PRO A 267 -13.27 -25.77 -11.35
CA PRO A 267 -12.05 -25.40 -10.62
C PRO A 267 -10.84 -25.16 -11.51
N ILE A 268 -10.67 -25.95 -12.57
CA ILE A 268 -9.50 -25.77 -13.43
C ILE A 268 -9.54 -24.41 -14.12
N SER A 269 -10.72 -24.03 -14.63
CA SER A 269 -10.85 -22.70 -15.23
C SER A 269 -10.63 -21.62 -14.18
N THR A 270 -11.12 -21.82 -12.96
CA THR A 270 -10.84 -20.87 -11.89
C THR A 270 -9.34 -20.67 -11.73
N PHE A 271 -8.59 -21.77 -11.67
CA PHE A 271 -7.13 -21.68 -11.52
C PHE A 271 -6.50 -20.91 -12.67
N LEU A 272 -6.81 -21.31 -13.92
CA LEU A 272 -6.15 -20.68 -15.05
C LEU A 272 -6.47 -19.20 -15.14
N PHE A 273 -7.72 -18.82 -14.94
CA PHE A 273 -8.07 -17.41 -15.10
C PHE A 273 -7.65 -16.57 -13.91
N SER A 274 -7.55 -17.15 -12.72
CA SER A 274 -6.93 -16.42 -11.61
C SER A 274 -5.46 -16.15 -11.90
N ILE A 275 -4.77 -17.13 -12.47
CA ILE A 275 -3.38 -16.92 -12.86
C ILE A 275 -3.29 -15.84 -13.92
N CYS A 276 -4.22 -15.85 -14.87
CA CYS A 276 -4.25 -14.82 -15.91
C CYS A 276 -4.42 -13.43 -15.31
N ALA A 277 -5.32 -13.30 -14.35
CA ALA A 277 -5.55 -12.02 -13.68
C ALA A 277 -4.29 -11.55 -12.96
N LEU A 278 -3.67 -12.45 -12.20
CA LEU A 278 -2.46 -12.07 -11.47
C LEU A 278 -1.34 -11.63 -12.42
N GLY A 279 -1.14 -12.39 -13.49
CA GLY A 279 -0.12 -12.00 -14.46
C GLY A 279 -0.43 -10.69 -15.15
N SER A 280 -1.71 -10.44 -15.41
CA SER A 280 -2.08 -9.20 -16.09
C SER A 280 -1.86 -7.99 -15.20
N THR A 281 -2.14 -8.10 -13.91
CA THR A 281 -2.00 -6.96 -13.01
C THR A 281 -0.66 -6.93 -12.27
N ALA A 282 0.26 -7.85 -12.55
CA ALA A 282 1.61 -7.71 -12.02
C ALA A 282 2.30 -6.41 -12.44
N PRO A 283 2.31 -6.00 -13.71
CA PRO A 283 3.03 -4.76 -14.07
C PRO A 283 2.50 -3.52 -13.37
N THR A 284 1.17 -3.43 -13.17
CA THR A 284 0.62 -2.30 -12.43
C THR A 284 1.13 -2.29 -11.00
N LEU A 285 1.21 -3.47 -10.37
CA LEU A 285 1.76 -3.56 -9.03
C LEU A 285 3.22 -3.10 -9.01
N ARG A 286 3.99 -3.49 -10.03
CA ARG A 286 5.39 -3.06 -10.08
C ARG A 286 5.51 -1.54 -10.21
N ASP A 287 4.70 -0.94 -11.08
CA ASP A 287 4.74 0.51 -11.24
C ASP A 287 4.34 1.22 -9.96
N VAL A 288 3.29 0.74 -9.30
CA VAL A 288 2.84 1.34 -8.05
C VAL A 288 3.93 1.22 -6.99
N LEU A 289 4.58 0.07 -6.92
CA LEU A 289 5.64 -0.13 -5.94
C LEU A 289 6.80 0.83 -6.20
N ARG A 290 7.19 1.01 -7.46
CA ARG A 290 8.26 1.94 -7.76
C ARG A 290 7.87 3.37 -7.38
N ILE A 291 6.64 3.77 -7.71
CA ILE A 291 6.22 5.14 -7.41
C ILE A 291 6.21 5.36 -5.90
N LEU A 292 5.70 4.40 -5.14
CA LEU A 292 5.65 4.54 -3.69
C LEU A 292 7.04 4.51 -3.06
N MET A 293 7.95 3.72 -3.63
CA MET A 293 9.32 3.70 -3.14
C MET A 293 10.13 4.90 -3.61
N GLU A 294 9.55 5.73 -4.48
CA GLU A 294 10.15 7.01 -4.88
C GLU A 294 11.39 6.80 -5.74
N GLY A 295 11.27 5.90 -6.71
CA GLY A 295 12.30 5.75 -7.71
C GLY A 295 12.13 6.70 -8.87
N THR A 296 13.11 6.69 -9.76
CA THR A 296 13.03 7.50 -10.96
C THR A 296 11.87 7.02 -11.82
N PRO A 297 11.07 7.93 -12.39
CA PRO A 297 9.99 7.51 -13.26
C PRO A 297 10.51 6.76 -14.48
N ARG A 298 9.69 5.85 -15.00
CA ARG A 298 10.12 5.00 -16.11
C ARG A 298 10.48 5.82 -17.33
N ASN A 299 9.66 6.82 -17.67
CA ASN A 299 9.92 7.61 -18.87
C ASN A 299 11.22 8.39 -18.75
N VAL A 300 11.52 8.92 -17.57
CA VAL A 300 12.65 9.83 -17.38
C VAL A 300 13.87 9.04 -16.97
N GLY A 301 14.98 9.26 -17.66
CA GLY A 301 16.25 8.63 -17.34
C GLY A 301 17.14 9.56 -16.54
N PHE A 302 17.84 8.98 -15.56
CA PHE A 302 18.74 9.78 -14.73
C PHE A 302 19.87 10.38 -15.56
N GLU A 303 20.47 9.59 -16.43
CA GLU A 303 21.61 10.06 -17.22
C GLU A 303 21.24 11.21 -18.15
N PRO A 304 20.17 11.13 -18.95
CA PRO A 304 19.83 12.28 -19.81
C PRO A 304 19.58 13.55 -19.02
N VAL A 305 18.93 13.45 -17.85
CA VAL A 305 18.69 14.63 -17.04
C VAL A 305 20.01 15.20 -16.53
N ARG A 306 20.92 14.34 -16.07
CA ARG A 306 22.20 14.84 -15.59
C ARG A 306 22.97 15.54 -16.70
N ASP A 307 23.04 14.93 -17.88
CA ASP A 307 23.76 15.57 -18.99
C ASP A 307 23.09 16.89 -19.39
N THR A 308 21.76 16.94 -19.38
CA THR A 308 21.08 18.19 -19.66
C THR A 308 21.47 19.26 -18.65
N LEU A 309 21.54 18.89 -17.38
CA LEU A 309 21.93 19.86 -16.35
C LEU A 309 23.36 20.35 -16.55
N LEU A 310 24.29 19.45 -16.87
CA LEU A 310 25.68 19.87 -17.01
C LEU A 310 25.97 20.63 -18.30
N SER A 311 25.10 20.53 -19.31
CA SER A 311 25.34 21.27 -20.54
C SER A 311 24.93 22.73 -20.46
N VAL A 312 24.29 23.14 -19.37
CA VAL A 312 23.95 24.56 -19.20
C VAL A 312 25.22 25.37 -19.09
N PRO A 313 25.37 26.49 -19.82
CA PRO A 313 26.62 27.26 -19.75
C PRO A 313 26.85 27.80 -18.35
N GLY A 314 27.93 27.34 -17.73
CA GLY A 314 28.28 27.77 -16.40
C GLY A 314 28.32 26.65 -15.39
N VAL A 315 27.42 25.68 -15.54
CA VAL A 315 27.33 24.59 -14.57
C VAL A 315 28.54 23.69 -14.71
N ARG A 316 29.18 23.38 -13.57
CA ARG A 316 30.30 22.45 -13.52
C ARG A 316 29.90 21.04 -13.12
N ALA A 317 29.10 20.90 -12.07
CA ALA A 317 28.72 19.58 -11.60
C ALA A 317 27.42 19.68 -10.81
N THR A 318 26.76 18.54 -10.65
CA THR A 318 25.55 18.43 -9.86
C THR A 318 25.81 17.46 -8.71
N HIS A 319 25.37 17.84 -7.51
CA HIS A 319 25.68 17.05 -6.33
C HIS A 319 24.58 16.05 -5.99
N GLU A 320 23.37 16.53 -5.74
CA GLU A 320 22.26 15.68 -5.31
C GLU A 320 21.12 15.85 -6.30
N LEU A 321 21.10 15.01 -7.33
CA LEU A 321 20.04 15.00 -8.32
C LEU A 321 18.97 14.02 -7.88
N HIS A 322 17.80 14.53 -7.53
CA HIS A 322 16.68 13.72 -7.07
C HIS A 322 15.58 13.75 -8.11
N LEU A 323 15.17 12.58 -8.59
CA LEU A 323 14.08 12.46 -9.53
C LEU A 323 13.07 11.47 -8.98
N TRP A 324 11.81 11.89 -8.89
CA TRP A 324 10.76 11.01 -8.39
C TRP A 324 9.43 11.50 -8.95
N ALA A 325 8.43 10.63 -8.88
CA ALA A 325 7.13 10.89 -9.49
C ALA A 325 6.04 10.82 -8.43
N LEU A 326 5.20 11.86 -8.38
CA LEU A 326 4.01 11.80 -7.56
C LEU A 326 3.05 10.73 -8.06
N THR A 327 2.86 10.67 -9.37
CA THR A 327 1.98 9.69 -9.99
C THR A 327 2.56 9.39 -11.37
N LEU A 328 1.76 8.75 -12.23
CA LEU A 328 2.27 8.37 -13.55
C LEU A 328 2.66 9.58 -14.38
N THR A 329 1.87 10.65 -14.33
CA THR A 329 2.08 11.81 -15.17
C THR A 329 2.70 12.99 -14.45
N TYR A 330 2.90 12.91 -13.14
CA TYR A 330 3.46 14.01 -12.35
C TYR A 330 4.88 13.64 -11.95
N HIS A 331 5.84 14.47 -12.34
CA HIS A 331 7.24 14.25 -12.04
C HIS A 331 7.82 15.48 -11.37
N VAL A 332 8.72 15.25 -10.41
CA VAL A 332 9.40 16.32 -9.68
C VAL A 332 10.90 16.08 -9.76
N ALA A 333 11.66 17.16 -9.60
CA ALA A 333 13.12 17.06 -9.68
C ALA A 333 13.76 18.07 -8.74
N SER A 334 15.00 17.77 -8.35
CA SER A 334 15.80 18.65 -7.52
C SER A 334 17.26 18.45 -7.88
N ALA A 335 18.08 19.46 -7.60
CA ALA A 335 19.48 19.39 -7.95
C ALA A 335 20.26 20.38 -7.10
N HIS A 336 21.59 20.29 -7.19
CA HIS A 336 22.51 21.11 -6.43
C HIS A 336 23.61 21.65 -7.33
N LEU A 337 23.22 22.25 -8.46
CA LEU A 337 24.19 22.69 -9.46
C LEU A 337 25.20 23.64 -8.85
N ALA A 338 26.48 23.45 -9.20
CA ALA A 338 27.57 24.29 -8.75
C ALA A 338 28.13 25.02 -9.96
N ILE A 339 27.86 26.32 -10.06
CA ILE A 339 28.24 27.10 -11.23
C ILE A 339 29.68 27.56 -11.15
N ASP A 340 30.21 28.06 -12.27
CA ASP A 340 31.51 28.70 -12.33
C ASP A 340 31.44 30.05 -11.63
N SER A 341 32.60 30.57 -11.21
CA SER A 341 32.66 31.87 -10.57
C SER A 341 32.18 32.97 -11.52
N THR A 342 32.62 32.92 -12.78
CA THR A 342 32.22 33.91 -13.77
C THR A 342 30.92 33.51 -14.45
N ALA A 343 29.83 33.50 -13.69
CA ALA A 343 28.53 33.14 -14.23
C ALA A 343 27.44 33.93 -13.52
N ASP A 344 26.26 33.99 -14.16
CA ASP A 344 25.14 34.73 -13.61
C ASP A 344 24.18 33.68 -13.05
N PRO A 345 24.05 33.55 -11.74
CA PRO A 345 23.23 32.47 -11.17
C PRO A 345 21.78 32.50 -11.62
N GLU A 346 21.18 33.69 -11.77
CA GLU A 346 19.78 33.76 -12.18
C GLU A 346 19.59 33.23 -13.59
N ALA A 347 20.46 33.64 -14.51
CA ALA A 347 20.36 33.18 -15.89
C ALA A 347 20.57 31.67 -15.97
N VAL A 348 21.56 31.15 -15.24
CA VAL A 348 21.83 29.72 -15.25
C VAL A 348 20.62 28.95 -14.71
N LEU A 349 20.06 29.42 -13.61
CA LEU A 349 18.91 28.76 -13.01
C LEU A 349 17.72 28.77 -13.96
N ALA A 350 17.44 29.93 -14.57
CA ALA A 350 16.31 30.01 -15.48
C ALA A 350 16.50 29.10 -16.69
N GLU A 351 17.71 29.08 -17.25
CA GLU A 351 17.97 28.24 -18.41
C GLU A 351 17.84 26.77 -18.07
N ALA A 352 18.34 26.36 -16.90
CA ALA A 352 18.22 24.96 -16.49
C ALA A 352 16.77 24.57 -16.27
N SER A 353 15.98 25.45 -15.62
CA SER A 353 14.58 25.13 -15.41
C SER A 353 13.83 25.02 -16.72
N SER A 354 14.10 25.93 -17.66
CA SER A 354 13.44 25.86 -18.96
C SER A 354 13.82 24.59 -19.69
N ARG A 355 15.10 24.20 -19.63
CA ARG A 355 15.52 22.96 -20.27
C ARG A 355 14.80 21.77 -19.68
N LEU A 356 14.71 21.69 -18.35
CA LEU A 356 14.03 20.57 -17.72
C LEU A 356 12.57 20.53 -18.14
N TYR A 357 11.89 21.69 -18.10
CA TYR A 357 10.47 21.71 -18.44
C TYR A 357 10.24 21.33 -19.89
N SER A 358 11.07 21.83 -20.81
CA SER A 358 10.84 21.59 -22.22
C SER A 358 11.18 20.16 -22.61
N ARG A 359 12.31 19.65 -22.13
CA ARG A 359 12.75 18.32 -22.56
C ARG A 359 12.02 17.21 -21.83
N PHE A 360 11.92 17.30 -20.50
CA PHE A 360 11.44 16.18 -19.71
C PHE A 360 10.06 16.41 -19.10
N GLY A 361 9.51 17.62 -19.23
CA GLY A 361 8.16 17.86 -18.73
C GLY A 361 8.02 17.69 -17.24
N PHE A 362 8.99 18.19 -16.47
CA PHE A 362 8.92 18.12 -15.02
C PHE A 362 7.93 19.15 -14.51
N SER A 363 6.99 18.71 -13.67
CA SER A 363 6.02 19.62 -13.10
C SER A 363 6.68 20.64 -12.18
N SER A 364 7.64 20.20 -11.36
CA SER A 364 8.34 21.08 -10.44
C SER A 364 9.84 20.85 -10.58
N CYS A 365 10.61 21.91 -10.34
CA CYS A 365 12.06 21.83 -10.45
C CYS A 365 12.65 22.84 -9.48
N THR A 366 13.23 22.35 -8.39
CA THR A 366 13.92 23.18 -7.41
C THR A 366 15.41 22.92 -7.52
N LEU A 367 16.13 23.88 -8.07
CA LEU A 367 17.58 23.74 -8.33
C LEU A 367 18.34 24.69 -7.42
N GLN A 368 19.09 24.13 -6.48
CA GLN A 368 19.93 24.94 -5.61
C GLN A 368 21.23 25.27 -6.32
N VAL A 369 21.50 26.56 -6.50
CA VAL A 369 22.66 27.02 -7.26
C VAL A 369 23.73 27.44 -6.27
N GLU A 370 24.75 26.59 -6.10
CA GLU A 370 25.86 26.88 -5.22
C GLU A 370 26.99 27.55 -5.99
N GLN A 371 28.17 27.65 -5.39
CA GLN A 371 29.34 28.19 -6.07
C GLN A 371 30.47 27.18 -5.94
N TYR A 372 31.20 27.00 -7.03
CA TYR A 372 32.28 26.02 -7.06
C TYR A 372 33.43 26.42 -6.14
N ALA B 78 16.32 -7.68 18.21
CA ALA B 78 17.46 -8.27 18.92
C ALA B 78 17.54 -9.77 18.65
N ALA B 79 17.18 -10.56 19.66
CA ALA B 79 17.21 -12.02 19.58
C ALA B 79 15.82 -12.59 19.79
N CYS B 80 14.81 -11.95 19.22
CA CYS B 80 13.42 -12.42 19.33
C CYS B 80 13.10 -13.47 18.28
N ALA B 81 13.95 -14.49 18.19
CA ALA B 81 13.69 -15.60 17.27
C ALA B 81 12.78 -16.65 17.89
N VAL B 82 12.74 -16.74 19.22
CA VAL B 82 11.86 -17.68 19.89
C VAL B 82 10.39 -17.31 19.74
N CYS B 83 10.10 -16.10 19.29
CA CYS B 83 8.71 -15.72 19.07
C CYS B 83 8.13 -16.41 17.84
N PHE B 84 8.98 -16.77 16.88
CA PHE B 84 8.49 -17.45 15.69
C PHE B 84 8.12 -18.90 15.98
N VAL B 85 8.94 -19.60 16.76
CA VAL B 85 8.58 -20.95 17.16
C VAL B 85 7.39 -20.92 18.11
N PHE B 86 7.35 -19.91 18.99
CA PHE B 86 6.19 -19.76 19.87
C PHE B 86 4.94 -19.45 19.08
N MET B 87 5.09 -18.85 17.89
CA MET B 87 3.95 -18.69 16.99
C MET B 87 3.36 -20.02 16.59
N ALA B 88 4.22 -21.02 16.32
CA ALA B 88 3.75 -22.31 15.84
C ALA B 88 2.77 -22.96 16.82
N GLY B 89 2.95 -22.70 18.12
CA GLY B 89 2.08 -23.33 19.11
C GLY B 89 0.63 -22.95 18.93
N GLU B 90 0.37 -21.68 18.59
CA GLU B 90 -1.00 -21.25 18.37
C GLU B 90 -1.59 -21.86 17.10
N VAL B 91 -0.78 -22.00 16.06
CA VAL B 91 -1.31 -22.51 14.79
C VAL B 91 -1.74 -23.96 14.93
N VAL B 92 -0.88 -24.80 15.50
CA VAL B 92 -1.22 -26.21 15.64
C VAL B 92 -2.16 -26.43 16.83
N GLY B 93 -1.84 -25.82 17.97
CA GLY B 93 -2.67 -26.01 19.14
C GLY B 93 -4.08 -25.51 18.94
N GLY B 94 -4.23 -24.37 18.27
CA GLY B 94 -5.56 -23.90 17.92
C GLY B 94 -6.27 -24.82 16.94
N TYR B 95 -5.52 -25.47 16.06
CA TYR B 95 -6.14 -26.42 15.13
C TYR B 95 -6.76 -27.58 15.90
N LEU B 96 -6.00 -28.17 16.83
CA LEU B 96 -6.53 -29.27 17.62
C LEU B 96 -7.71 -28.82 18.47
N ALA B 97 -7.60 -27.64 19.09
CA ALA B 97 -8.67 -27.14 19.94
C ALA B 97 -9.87 -26.65 19.15
N HIS B 98 -9.73 -26.46 17.84
CA HIS B 98 -10.79 -25.89 17.00
C HIS B 98 -11.29 -24.57 17.58
N SER B 99 -10.39 -23.62 17.72
CA SER B 99 -10.68 -22.37 18.39
C SER B 99 -10.36 -21.18 17.47
N LEU B 100 -11.04 -20.07 17.74
CA LEU B 100 -10.85 -18.85 17.00
C LEU B 100 -10.25 -17.71 17.81
N ALA B 101 -10.40 -17.72 19.14
CA ALA B 101 -9.71 -16.73 19.96
C ALA B 101 -8.21 -16.91 19.89
N ILE B 102 -7.74 -18.16 19.86
CA ILE B 102 -6.32 -18.39 19.71
C ILE B 102 -5.86 -17.94 18.34
N MET B 103 -6.75 -17.97 17.35
CA MET B 103 -6.43 -17.38 16.05
C MET B 103 -6.23 -15.88 16.15
N THR B 104 -7.03 -15.18 16.95
CA THR B 104 -6.79 -13.74 17.10
C THR B 104 -5.52 -13.46 17.88
N ASP B 105 -5.19 -14.31 18.85
CA ASP B 105 -3.88 -14.20 19.49
C ASP B 105 -2.75 -14.36 18.48
N ALA B 106 -2.88 -15.36 17.60
CA ALA B 106 -1.89 -15.57 16.56
C ALA B 106 -1.86 -14.42 15.58
N ALA B 107 -3.00 -13.78 15.33
CA ALA B 107 -3.03 -12.63 14.44
C ALA B 107 -2.31 -11.43 15.04
N HIS B 108 -2.51 -11.20 16.34
CA HIS B 108 -1.76 -10.14 17.02
C HIS B 108 -0.27 -10.42 16.97
N LEU B 109 0.11 -11.66 17.25
CA LEU B 109 1.52 -12.04 17.16
C LEU B 109 2.04 -11.88 15.72
N LEU B 110 1.18 -12.16 14.74
CA LEU B 110 1.57 -11.99 13.34
C LEU B 110 1.84 -10.53 13.03
N ALA B 111 0.99 -9.63 13.52
CA ALA B 111 1.24 -8.21 13.31
C ALA B 111 2.55 -7.79 13.94
N ASP B 112 2.82 -8.26 15.16
CA ASP B 112 4.04 -7.89 15.87
C ASP B 112 5.27 -8.40 15.10
N VAL B 113 5.27 -9.68 14.74
CA VAL B 113 6.43 -10.25 14.05
C VAL B 113 6.58 -9.67 12.65
N GLY B 114 5.47 -9.30 12.00
CA GLY B 114 5.58 -8.64 10.71
C GLY B 114 6.21 -7.27 10.83
N SER B 115 5.84 -6.52 11.87
CA SER B 115 6.50 -5.24 12.11
C SER B 115 8.00 -5.44 12.38
N MET B 116 8.34 -6.43 13.20
CA MET B 116 9.74 -6.68 13.51
C MET B 116 10.52 -7.10 12.27
N MET B 117 9.94 -7.98 11.44
CA MET B 117 10.61 -8.42 10.22
C MET B 117 10.77 -7.27 9.23
N GLY B 118 9.75 -6.42 9.12
CA GLY B 118 9.89 -5.25 8.27
C GLY B 118 10.99 -4.32 8.74
N SER B 119 11.08 -4.12 10.06
CA SER B 119 12.15 -3.28 10.60
C SER B 119 13.52 -3.89 10.32
N LEU B 120 13.66 -5.21 10.49
CA LEU B 120 14.94 -5.85 10.22
C LEU B 120 15.31 -5.75 8.75
N PHE B 121 14.36 -6.02 7.86
CA PHE B 121 14.63 -5.93 6.43
C PHE B 121 14.98 -4.50 6.03
N SER B 122 14.29 -3.52 6.60
CA SER B 122 14.59 -2.12 6.32
C SER B 122 15.98 -1.75 6.81
N LEU B 123 16.37 -2.24 7.99
CA LEU B 123 17.71 -1.97 8.49
C LEU B 123 18.77 -2.60 7.58
N TRP B 124 18.50 -3.80 7.07
CA TRP B 124 19.43 -4.42 6.13
C TRP B 124 19.51 -3.62 4.84
N LEU B 125 18.38 -3.11 4.36
CA LEU B 125 18.36 -2.39 3.09
C LEU B 125 18.97 -0.99 3.20
N SER B 126 18.91 -0.38 4.38
CA SER B 126 19.33 1.01 4.52
C SER B 126 20.81 1.19 4.19
N THR B 127 21.64 0.19 4.49
CA THR B 127 23.07 0.33 4.21
C THR B 127 23.37 0.36 2.72
N ARG B 128 22.45 -0.12 1.89
CA ARG B 128 22.68 -0.12 0.45
C ARG B 128 22.65 1.31 -0.07
N PRO B 129 23.64 1.74 -0.85
CA PRO B 129 23.66 3.11 -1.35
C PRO B 129 22.57 3.35 -2.39
N ALA B 130 22.20 4.62 -2.52
CA ALA B 130 21.19 5.01 -3.50
C ALA B 130 21.71 4.79 -4.91
N THR B 131 20.89 4.15 -5.75
CA THR B 131 21.28 3.84 -7.12
C THR B 131 20.81 4.96 -8.05
N ARG B 132 21.01 4.78 -9.35
CA ARG B 132 20.56 5.74 -10.33
C ARG B 132 19.07 5.61 -10.65
N THR B 133 18.43 4.55 -10.19
CA THR B 133 16.98 4.40 -10.30
C THR B 133 16.25 4.63 -8.99
N MET B 134 16.98 4.79 -7.88
CA MET B 134 16.40 5.13 -6.58
C MET B 134 17.26 6.26 -6.02
N THR B 135 16.90 7.49 -6.36
CA THR B 135 17.72 8.64 -6.02
C THR B 135 17.68 8.99 -4.54
N PHE B 136 16.67 8.51 -3.82
CA PHE B 136 16.55 8.77 -2.39
C PHE B 136 17.07 7.63 -1.53
N GLY B 137 17.29 6.46 -2.11
CA GLY B 137 17.70 5.30 -1.33
C GLY B 137 16.58 4.30 -1.19
N TRP B 138 16.55 3.59 -0.06
CA TRP B 138 15.53 2.58 0.17
C TRP B 138 14.83 2.80 1.50
N HIS B 139 14.61 4.06 1.88
CA HIS B 139 14.03 4.37 3.16
C HIS B 139 12.51 4.23 3.19
N ARG B 140 11.87 3.99 2.04
CA ARG B 140 10.44 3.74 2.03
C ARG B 140 10.11 2.28 2.32
N SER B 141 11.13 1.43 2.50
CA SER B 141 10.88 0.04 2.86
C SER B 141 10.21 -0.07 4.21
N GLU B 142 10.53 0.83 5.15
CA GLU B 142 9.85 0.83 6.44
C GLU B 142 8.35 0.97 6.26
N THR B 143 7.93 2.00 5.51
CA THR B 143 6.52 2.27 5.32
C THR B 143 5.86 1.13 4.54
N LEU B 144 6.54 0.61 3.51
CA LEU B 144 5.95 -0.47 2.73
C LEU B 144 5.76 -1.72 3.59
N GLY B 145 6.74 -2.04 4.43
CA GLY B 145 6.60 -3.19 5.31
C GLY B 145 5.51 -3.00 6.35
N ALA B 146 5.39 -1.79 6.89
CA ALA B 146 4.31 -1.53 7.83
C ALA B 146 2.94 -1.67 7.17
N LEU B 147 2.81 -1.16 5.94
CA LEU B 147 1.55 -1.31 5.21
C LEU B 147 1.26 -2.77 4.92
N ALA B 148 2.28 -3.55 4.54
CA ALA B 148 2.06 -4.97 4.28
C ALA B 148 1.63 -5.69 5.54
N SER B 149 2.25 -5.36 6.69
CA SER B 149 1.85 -5.99 7.94
C SER B 149 0.41 -5.65 8.30
N VAL B 150 0.01 -4.40 8.09
CA VAL B 150 -1.38 -4.02 8.36
C VAL B 150 -2.33 -4.76 7.44
N VAL B 151 -1.97 -4.88 6.16
CA VAL B 151 -2.82 -5.57 5.20
C VAL B 151 -2.99 -7.03 5.59
N SER B 152 -1.89 -7.68 6.00
CA SER B 152 -1.99 -9.07 6.43
C SER B 152 -2.81 -9.21 7.71
N LEU B 153 -2.70 -8.24 8.62
CA LEU B 153 -3.52 -8.28 9.83
C LEU B 153 -5.00 -8.19 9.48
N TRP B 154 -5.35 -7.33 8.52
CA TRP B 154 -6.75 -7.24 8.09
C TRP B 154 -7.19 -8.50 7.34
N MET B 155 -6.28 -9.11 6.57
CA MET B 155 -6.47 -10.46 6.04
C MET B 155 -7.01 -11.40 7.12
N VAL B 156 -6.19 -11.60 8.15
CA VAL B 156 -6.55 -12.55 9.19
C VAL B 156 -7.82 -12.12 9.93
N THR B 157 -7.95 -10.81 10.20
CA THR B 157 -9.11 -10.34 10.94
C THR B 157 -10.40 -10.58 10.18
N GLY B 158 -10.41 -10.31 8.86
CA GLY B 158 -11.60 -10.57 8.08
C GLY B 158 -11.92 -12.05 7.98
N ILE B 159 -10.90 -12.89 7.80
CA ILE B 159 -11.14 -14.32 7.74
C ILE B 159 -11.76 -14.81 9.04
N LEU B 160 -11.21 -14.37 10.17
CA LEU B 160 -11.73 -14.78 11.46
C LEU B 160 -13.12 -14.21 11.71
N LEU B 161 -13.39 -12.99 11.24
CA LEU B 161 -14.73 -12.41 11.36
C LEU B 161 -15.75 -13.28 10.64
N TYR B 162 -15.43 -13.67 9.39
CA TYR B 162 -16.35 -14.52 8.64
C TYR B 162 -16.53 -15.86 9.33
N LEU B 163 -15.43 -16.46 9.80
CA LEU B 163 -15.53 -17.75 10.46
C LEU B 163 -16.37 -17.69 11.71
N ALA B 164 -16.19 -16.65 12.53
CA ALA B 164 -16.98 -16.50 13.75
C ALA B 164 -18.44 -16.25 13.43
N PHE B 165 -18.73 -15.45 12.41
CA PHE B 165 -20.11 -15.21 12.03
C PHE B 165 -20.79 -16.50 11.58
N VAL B 166 -20.08 -17.35 10.84
CA VAL B 166 -20.63 -18.65 10.48
C VAL B 166 -20.82 -19.52 11.72
N ARG B 167 -19.84 -19.50 12.63
CA ARG B 167 -19.86 -20.35 13.81
C ARG B 167 -21.04 -20.03 14.71
N LEU B 168 -21.38 -18.75 14.85
CA LEU B 168 -22.46 -18.35 15.73
C LEU B 168 -23.81 -18.91 15.27
N LEU B 169 -24.17 -18.67 14.01
CA LEU B 169 -25.47 -19.09 13.50
C LEU B 169 -25.57 -20.61 13.43
N HIS B 170 -24.59 -21.25 12.80
CA HIS B 170 -24.52 -22.70 12.81
C HIS B 170 -23.84 -23.16 14.09
N SER B 171 -24.62 -23.37 15.14
CA SER B 171 -24.06 -23.74 16.44
C SER B 171 -23.77 -25.23 16.50
N ASP B 172 -22.87 -25.71 15.63
CA ASP B 172 -22.48 -27.12 15.61
C ASP B 172 -20.97 -27.15 15.40
N TYR B 173 -20.23 -27.14 16.51
CA TYR B 173 -18.78 -27.27 16.47
C TYR B 173 -18.29 -27.79 17.81
N HIS B 174 -17.25 -28.60 17.76
CA HIS B 174 -16.70 -29.25 18.96
C HIS B 174 -15.47 -28.48 19.41
N ILE B 175 -15.48 -28.03 20.67
CA ILE B 175 -14.37 -27.30 21.26
C ILE B 175 -14.03 -27.97 22.59
N GLU B 176 -12.76 -28.32 22.77
CA GLU B 176 -12.28 -28.89 24.02
C GLU B 176 -11.36 -27.89 24.69
N GLY B 177 -11.59 -27.66 25.99
CA GLY B 177 -10.90 -26.60 26.69
C GLY B 177 -9.47 -26.90 27.07
N GLY B 178 -9.04 -28.16 26.97
CA GLY B 178 -7.69 -28.52 27.34
C GLY B 178 -6.65 -27.81 26.49
N ALA B 179 -6.60 -28.20 25.20
CA ALA B 179 -5.66 -27.59 24.29
C ALA B 179 -5.79 -26.07 24.28
N MET B 180 -7.02 -25.57 24.39
CA MET B 180 -7.24 -24.13 24.52
C MET B 180 -6.47 -23.56 25.69
N LEU B 181 -6.57 -24.19 26.85
CA LEU B 181 -5.91 -23.68 28.05
C LEU B 181 -4.39 -23.70 27.90
N LEU B 182 -3.84 -24.81 27.42
CA LEU B 182 -2.38 -24.87 27.26
C LEU B 182 -1.88 -23.83 26.25
N THR B 183 -2.56 -23.70 25.11
CA THR B 183 -2.05 -22.74 24.13
C THR B 183 -2.28 -21.30 24.56
N ALA B 184 -3.33 -21.03 25.35
CA ALA B 184 -3.50 -19.69 25.89
C ALA B 184 -2.42 -19.37 26.91
N SER B 185 -2.03 -20.35 27.73
CA SER B 185 -0.89 -20.15 28.62
C SER B 185 0.38 -19.88 27.83
N ILE B 186 0.59 -20.63 26.75
CA ILE B 186 1.75 -20.38 25.91
C ILE B 186 1.73 -18.95 25.38
N ALA B 187 0.55 -18.49 24.95
CA ALA B 187 0.40 -17.12 24.46
C ALA B 187 0.70 -16.08 25.52
N VAL B 188 0.23 -16.28 26.76
CA VAL B 188 0.46 -15.26 27.76
C VAL B 188 1.94 -15.21 28.17
N CYS B 189 2.62 -16.37 28.25
CA CYS B 189 4.06 -16.31 28.50
C CYS B 189 4.82 -15.68 27.32
N ALA B 190 4.37 -15.94 26.09
CA ALA B 190 5.00 -15.27 24.95
C ALA B 190 4.84 -13.76 25.05
N ASN B 191 3.65 -13.30 25.44
CA ASN B 191 3.42 -11.87 25.60
C ASN B 191 4.27 -11.30 26.73
N LEU B 192 4.43 -12.04 27.82
CA LEU B 192 5.29 -11.58 28.90
C LEU B 192 6.73 -11.45 28.44
N LEU B 193 7.22 -12.41 27.66
CA LEU B 193 8.57 -12.32 27.11
C LEU B 193 8.70 -11.12 26.19
N MET B 194 7.70 -10.87 25.34
CA MET B 194 7.74 -9.72 24.46
C MET B 194 7.75 -8.41 25.24
N ALA B 195 6.97 -8.35 26.32
CA ALA B 195 6.95 -7.15 27.16
C ALA B 195 8.29 -6.94 27.84
N PHE B 196 8.92 -8.03 28.29
CA PHE B 196 10.25 -7.91 28.88
C PHE B 196 11.24 -7.39 27.83
N VAL B 197 11.16 -7.92 26.60
CA VAL B 197 12.05 -7.46 25.54
C VAL B 197 11.85 -5.97 25.29
N LEU B 198 10.60 -5.53 25.26
CA LEU B 198 10.33 -4.10 25.10
C LEU B 198 10.92 -3.30 26.25
N HIS B 199 10.79 -3.80 27.46
CA HIS B 199 11.38 -3.16 28.63
C HIS B 199 12.89 -3.33 28.64
N VAL B 237 1.21 1.11 26.26
CA VAL B 237 0.91 1.36 24.86
C VAL B 237 0.07 0.19 24.36
N HIS B 238 -0.09 0.04 23.05
CA HIS B 238 -0.88 -1.09 22.59
C HIS B 238 -0.18 -2.42 22.86
N VAL B 239 1.11 -2.47 23.18
CA VAL B 239 1.70 -3.72 23.64
C VAL B 239 1.06 -4.18 24.94
N LEU B 240 0.94 -3.28 25.92
CA LEU B 240 0.22 -3.60 27.15
C LEU B 240 -1.25 -3.84 26.86
N GLY B 241 -1.82 -3.11 25.91
CA GLY B 241 -3.19 -3.35 25.49
C GLY B 241 -3.39 -4.77 25.00
N ASP B 242 -2.43 -5.27 24.23
CA ASP B 242 -2.44 -6.62 23.69
C ASP B 242 -2.25 -7.61 24.83
N LEU B 243 -1.41 -7.27 25.79
CA LEU B 243 -1.23 -8.09 26.99
C LEU B 243 -2.57 -8.30 27.66
N LEU B 244 -3.35 -7.22 27.76
CA LEU B 244 -4.70 -7.34 28.30
C LEU B 244 -5.56 -8.25 27.44
N GLN B 245 -5.40 -8.16 26.12
CA GLN B 245 -6.16 -9.04 25.22
C GLN B 245 -5.79 -10.51 25.43
N SER B 246 -4.49 -10.78 25.60
CA SER B 246 -4.06 -12.15 25.84
C SER B 246 -4.62 -12.66 27.16
N PHE B 247 -4.64 -11.80 28.19
CA PHE B 247 -5.26 -12.20 29.45
C PHE B 247 -6.76 -12.48 29.27
N GLY B 248 -7.42 -11.70 28.43
CA GLY B 248 -8.82 -11.97 28.13
C GLY B 248 -9.03 -13.31 27.46
N VAL B 249 -8.18 -13.63 26.48
CA VAL B 249 -8.27 -14.93 25.82
C VAL B 249 -8.04 -16.06 26.81
N LEU B 250 -7.05 -15.89 27.70
CA LEU B 250 -6.79 -16.89 28.72
C LEU B 250 -8.00 -17.08 29.65
N ALA B 251 -8.63 -15.98 30.03
CA ALA B 251 -9.84 -16.08 30.86
C ALA B 251 -10.94 -16.81 30.13
N ALA B 252 -11.11 -16.54 28.83
CA ALA B 252 -12.11 -17.27 28.05
C ALA B 252 -11.78 -18.75 27.98
N SER B 253 -10.48 -19.09 27.92
CA SER B 253 -10.09 -20.49 27.91
C SER B 253 -10.47 -21.18 29.22
N ILE B 254 -10.23 -20.52 30.36
CA ILE B 254 -10.70 -21.11 31.62
C ILE B 254 -12.21 -21.25 31.61
N LEU B 255 -12.92 -20.25 31.10
CA LEU B 255 -14.38 -20.32 31.08
C LEU B 255 -14.87 -21.50 30.26
N ILE B 256 -14.27 -21.73 29.10
CA ILE B 256 -14.70 -22.83 28.24
C ILE B 256 -14.33 -24.17 28.87
N TYR B 257 -13.10 -24.30 29.37
CA TYR B 257 -12.64 -25.57 29.89
C TYR B 257 -13.40 -25.98 31.14
N PHE B 258 -13.62 -25.05 32.05
CA PHE B 258 -14.28 -25.39 33.31
C PHE B 258 -15.74 -25.77 33.09
N LYS B 259 -16.44 -25.05 32.23
CA LYS B 259 -17.86 -25.26 31.97
C LYS B 259 -18.04 -25.55 30.49
N PRO B 260 -17.94 -26.81 30.07
CA PRO B 260 -18.08 -27.12 28.64
C PRO B 260 -19.47 -26.83 28.09
N GLN B 261 -20.48 -26.70 28.94
CA GLN B 261 -21.83 -26.43 28.44
C GLN B 261 -21.89 -25.09 27.73
N TYR B 262 -21.15 -24.10 28.22
CA TYR B 262 -20.96 -22.86 27.47
C TYR B 262 -20.14 -23.17 26.23
N LYS B 263 -20.58 -22.64 25.08
CA LYS B 263 -19.93 -22.91 23.81
C LYS B 263 -19.72 -21.69 22.95
N ALA B 264 -20.49 -20.61 23.15
CA ALA B 264 -20.36 -19.40 22.35
C ALA B 264 -19.32 -18.44 22.89
N ALA B 265 -18.54 -18.86 23.89
CA ALA B 265 -17.51 -17.99 24.43
C ALA B 265 -16.43 -17.69 23.38
N ASP B 266 -16.11 -18.68 22.56
CA ASP B 266 -15.06 -18.48 21.57
C ASP B 266 -15.37 -17.40 20.54
N PRO B 267 -16.49 -17.44 19.81
CA PRO B 267 -16.71 -16.42 18.77
C PRO B 267 -16.82 -15.00 19.31
N ILE B 268 -17.41 -14.81 20.50
CA ILE B 268 -17.53 -13.46 21.02
C ILE B 268 -16.16 -12.89 21.34
N SER B 269 -15.28 -13.71 21.92
CA SER B 269 -13.91 -13.26 22.15
C SER B 269 -13.22 -12.95 20.82
N THR B 270 -13.44 -13.79 19.81
CA THR B 270 -12.90 -13.48 18.49
C THR B 270 -13.33 -12.09 18.05
N PHE B 271 -14.61 -11.78 18.18
CA PHE B 271 -15.13 -10.48 17.74
C PHE B 271 -14.47 -9.34 18.50
N LEU B 272 -14.50 -9.40 19.85
CA LEU B 272 -13.98 -8.29 20.63
C LEU B 272 -12.49 -8.09 20.39
N PHE B 273 -11.73 -9.17 20.33
CA PHE B 273 -10.28 -9.02 20.21
C PHE B 273 -9.85 -8.66 18.80
N SER B 274 -10.59 -9.08 17.77
CA SER B 274 -10.32 -8.56 16.43
C SER B 274 -10.62 -7.07 16.36
N ILE B 275 -11.70 -6.62 17.00
CA ILE B 275 -11.99 -5.18 17.04
C ILE B 275 -10.87 -4.45 17.77
N CYS B 276 -10.36 -5.03 18.86
CA CYS B 276 -9.25 -4.42 19.57
C CYS B 276 -8.01 -4.31 18.69
N ALA B 277 -7.72 -5.36 17.92
CA ALA B 277 -6.58 -5.31 17.00
C ALA B 277 -6.74 -4.20 15.98
N LEU B 278 -7.92 -4.10 15.37
CA LEU B 278 -8.14 -3.05 14.36
C LEU B 278 -7.99 -1.67 14.97
N GLY B 279 -8.56 -1.46 16.15
CA GLY B 279 -8.44 -0.16 16.81
C GLY B 279 -7.01 0.16 17.19
N SER B 280 -6.24 -0.87 17.58
CA SER B 280 -4.86 -0.63 17.99
C SER B 280 -3.97 -0.27 16.81
N THR B 281 -4.20 -0.90 15.65
CA THR B 281 -3.37 -0.62 14.48
C THR B 281 -3.96 0.41 13.53
N ALA B 282 -5.08 1.04 13.88
CA ALA B 282 -5.54 2.20 13.10
C ALA B 282 -4.52 3.33 13.05
N PRO B 283 -3.92 3.78 14.16
CA PRO B 283 -2.97 4.92 14.05
C PRO B 283 -1.77 4.64 13.17
N THR B 284 -1.25 3.42 13.19
CA THR B 284 -0.15 3.08 12.30
C THR B 284 -0.57 3.19 10.84
N LEU B 285 -1.79 2.74 10.54
CA LEU B 285 -2.31 2.87 9.18
C LEU B 285 -2.42 4.35 8.80
N ARG B 286 -2.87 5.19 9.74
CA ARG B 286 -2.99 6.61 9.45
C ARG B 286 -1.62 7.22 9.14
N ASP B 287 -0.62 6.91 9.96
CA ASP B 287 0.71 7.46 9.73
C ASP B 287 1.29 6.98 8.40
N VAL B 288 1.11 5.69 8.10
CA VAL B 288 1.62 5.15 6.84
C VAL B 288 0.94 5.82 5.66
N LEU B 289 -0.38 6.01 5.76
CA LEU B 289 -1.11 6.65 4.67
C LEU B 289 -0.64 8.08 4.46
N ARG B 290 -0.41 8.82 5.53
CA ARG B 290 0.06 10.20 5.37
C ARG B 290 1.45 10.24 4.75
N ILE B 291 2.35 9.35 5.19
CA ILE B 291 3.69 9.32 4.63
C ILE B 291 3.64 8.98 3.15
N LEU B 292 2.82 8.00 2.77
CA LEU B 292 2.73 7.60 1.37
C LEU B 292 2.08 8.67 0.52
N MET B 293 1.11 9.40 1.06
CA MET B 293 0.52 10.51 0.33
C MET B 293 1.40 11.75 0.35
N GLU B 294 2.50 11.72 1.10
CA GLU B 294 3.52 12.77 1.08
C GLU B 294 2.99 14.07 1.69
N GLY B 295 2.43 13.96 2.89
CA GLY B 295 2.11 15.12 3.68
C GLY B 295 3.28 15.54 4.55
N THR B 296 3.08 16.64 5.26
CA THR B 296 4.08 17.10 6.20
C THR B 296 4.28 16.06 7.29
N PRO B 297 5.51 15.87 7.77
CA PRO B 297 5.71 14.94 8.90
C PRO B 297 4.99 15.41 10.15
N ARG B 298 4.65 14.45 11.01
CA ARG B 298 3.89 14.77 12.21
C ARG B 298 4.63 15.76 13.10
N ASN B 299 5.93 15.54 13.30
CA ASN B 299 6.69 16.38 14.21
C ASN B 299 6.84 17.80 13.67
N VAL B 300 7.03 17.93 12.36
CA VAL B 300 7.38 19.20 11.74
C VAL B 300 6.11 19.93 11.32
N GLY B 301 5.98 21.19 11.73
CA GLY B 301 4.86 22.02 11.34
C GLY B 301 5.26 22.94 10.20
N PHE B 302 4.30 23.18 9.30
CA PHE B 302 4.57 24.03 8.14
C PHE B 302 4.88 25.46 8.55
N GLU B 303 4.07 26.00 9.46
CA GLU B 303 4.26 27.40 9.87
C GLU B 303 5.60 27.65 10.54
N PRO B 304 6.05 26.85 11.51
CA PRO B 304 7.38 27.11 12.09
C PRO B 304 8.49 27.09 11.06
N VAL B 305 8.43 26.17 10.10
CA VAL B 305 9.45 26.12 9.06
C VAL B 305 9.39 27.38 8.20
N ARG B 306 8.19 27.83 7.84
CA ARG B 306 8.08 29.02 7.02
C ARG B 306 8.65 30.24 7.75
N ASP B 307 8.29 30.41 9.02
CA ASP B 307 8.82 31.55 9.77
C ASP B 307 10.33 31.46 9.92
N THR B 308 10.86 30.25 10.15
CA THR B 308 12.30 30.08 10.21
C THR B 308 12.96 30.51 8.91
N LEU B 309 12.37 30.15 7.78
CA LEU B 309 12.94 30.54 6.50
C LEU B 309 12.89 32.05 6.30
N LEU B 310 11.79 32.70 6.68
CA LEU B 310 11.68 34.13 6.45
C LEU B 310 12.48 34.98 7.43
N SER B 311 12.87 34.42 8.57
CA SER B 311 13.68 35.20 9.52
C SER B 311 15.14 35.27 9.15
N VAL B 312 15.57 34.54 8.13
CA VAL B 312 16.96 34.64 7.67
C VAL B 312 17.20 36.04 7.11
N PRO B 313 18.28 36.71 7.47
CA PRO B 313 18.51 38.07 6.98
C PRO B 313 18.67 38.10 5.47
N GLY B 314 17.76 38.80 4.80
CA GLY B 314 17.79 38.91 3.36
C GLY B 314 16.59 38.29 2.68
N VAL B 315 16.08 37.19 3.25
CA VAL B 315 14.93 36.51 2.66
C VAL B 315 13.69 37.39 2.79
N ARG B 316 12.96 37.54 1.69
CA ARG B 316 11.73 38.32 1.68
C ARG B 316 10.48 37.48 1.62
N ALA B 317 10.48 36.39 0.85
CA ALA B 317 9.32 35.53 0.76
C ALA B 317 9.76 34.16 0.27
N THR B 318 8.90 33.17 0.51
CA THR B 318 9.11 31.81 0.02
C THR B 318 7.94 31.43 -0.88
N HIS B 319 8.24 30.82 -2.02
CA HIS B 319 7.21 30.53 -3.01
C HIS B 319 6.63 29.13 -2.85
N GLU B 320 7.47 28.11 -2.98
CA GLU B 320 7.01 26.72 -2.96
C GLU B 320 7.75 25.98 -1.86
N LEU B 321 7.16 25.94 -0.67
CA LEU B 321 7.74 25.23 0.47
C LEU B 321 7.15 23.82 0.49
N HIS B 322 7.99 22.83 0.23
CA HIS B 322 7.57 21.43 0.19
C HIS B 322 8.20 20.71 1.38
N LEU B 323 7.37 20.09 2.21
CA LEU B 323 7.84 19.30 3.33
C LEU B 323 7.21 17.91 3.24
N TRP B 324 8.04 16.88 3.28
CA TRP B 324 7.55 15.52 3.24
C TRP B 324 8.58 14.61 3.88
N ALA B 325 8.14 13.40 4.22
CA ALA B 325 8.97 12.44 4.94
C ALA B 325 9.07 11.15 4.15
N LEU B 326 10.30 10.67 3.94
CA LEU B 326 10.48 9.34 3.37
C LEU B 326 9.98 8.27 4.32
N THR B 327 10.26 8.41 5.61
CA THR B 327 9.82 7.48 6.63
C THR B 327 9.59 8.27 7.91
N LEU B 328 9.48 7.57 9.04
CA LEU B 328 9.19 8.25 10.30
C LEU B 328 10.31 9.20 10.69
N THR B 329 11.56 8.80 10.49
CA THR B 329 12.70 9.58 10.95
C THR B 329 13.41 10.34 9.85
N TYR B 330 13.05 10.13 8.59
CA TYR B 330 13.72 10.78 7.46
C TYR B 330 12.80 11.88 6.92
N HIS B 331 13.28 13.12 6.94
CA HIS B 331 12.49 14.26 6.49
C HIS B 331 13.27 15.02 5.42
N VAL B 332 12.55 15.50 4.41
CA VAL B 332 13.13 16.27 3.32
C VAL B 332 12.37 17.58 3.20
N ALA B 333 13.02 18.58 2.61
CA ALA B 333 12.41 19.89 2.46
C ALA B 333 12.93 20.56 1.19
N SER B 334 12.13 21.50 0.69
CA SER B 334 12.50 22.31 -0.47
C SER B 334 11.84 23.66 -0.33
N ALA B 335 12.40 24.66 -1.02
CA ALA B 335 11.89 26.01 -0.91
C ALA B 335 12.35 26.81 -2.12
N HIS B 336 11.79 28.01 -2.25
CA HIS B 336 12.07 28.92 -3.35
C HIS B 336 12.32 30.33 -2.83
N LEU B 337 13.19 30.45 -1.84
CA LEU B 337 13.42 31.73 -1.19
C LEU B 337 13.84 32.80 -2.20
N ALA B 338 13.26 33.98 -2.06
CA ALA B 338 13.57 35.13 -2.90
C ALA B 338 14.20 36.20 -2.01
N ILE B 339 15.50 36.46 -2.21
CA ILE B 339 16.22 37.39 -1.36
C ILE B 339 16.08 38.81 -1.88
N ASP B 340 16.41 39.77 -1.03
CA ASP B 340 16.49 41.18 -1.43
C ASP B 340 17.78 41.36 -2.21
N SER B 341 17.72 42.23 -3.24
CA SER B 341 18.83 42.36 -4.17
C SER B 341 20.17 42.61 -3.48
N THR B 342 20.16 43.41 -2.42
CA THR B 342 21.38 43.72 -1.67
C THR B 342 21.61 42.65 -0.59
N ALA B 343 21.93 41.44 -1.06
CA ALA B 343 22.20 40.33 -0.18
C ALA B 343 23.18 39.38 -0.86
N ASP B 344 23.77 38.50 -0.05
CA ASP B 344 24.76 37.56 -0.54
C ASP B 344 24.06 36.20 -0.61
N PRO B 345 23.77 35.69 -1.81
CA PRO B 345 22.99 34.44 -1.90
C PRO B 345 23.63 33.25 -1.22
N GLU B 346 24.96 33.12 -1.28
CA GLU B 346 25.63 31.98 -0.68
C GLU B 346 25.47 31.99 0.84
N ALA B 347 25.69 33.15 1.46
CA ALA B 347 25.56 33.26 2.92
C ALA B 347 24.12 32.99 3.34
N VAL B 348 23.15 33.54 2.62
CA VAL B 348 21.75 33.34 2.95
C VAL B 348 21.40 31.86 2.85
N LEU B 349 21.84 31.21 1.77
CA LEU B 349 21.52 29.80 1.57
C LEU B 349 22.14 28.96 2.68
N ALA B 350 23.42 29.21 3.00
CA ALA B 350 24.08 28.43 4.05
C ALA B 350 23.40 28.63 5.40
N GLU B 351 23.05 29.87 5.72
CA GLU B 351 22.42 30.14 7.00
C GLU B 351 21.05 29.48 7.10
N ALA B 352 20.27 29.52 6.00
CA ALA B 352 18.97 28.87 6.01
C ALA B 352 19.10 27.35 6.15
N SER B 353 20.06 26.75 5.44
CA SER B 353 20.24 25.31 5.57
C SER B 353 20.66 24.92 6.98
N SER B 354 21.56 25.70 7.58
CA SER B 354 21.98 25.41 8.95
C SER B 354 20.81 25.55 9.91
N ARG B 355 19.97 26.58 9.73
CA ARG B 355 18.80 26.72 10.57
C ARG B 355 17.87 25.52 10.45
N LEU B 356 17.60 25.09 9.21
CA LEU B 356 16.72 23.94 9.03
C LEU B 356 17.29 22.70 9.70
N TYR B 357 18.58 22.43 9.48
CA TYR B 357 19.19 21.23 10.05
C TYR B 357 19.19 21.28 11.58
N SER B 358 19.52 22.43 12.15
CA SER B 358 19.64 22.51 13.61
C SER B 358 18.27 22.47 14.29
N ARG B 359 17.29 23.21 13.75
CA ARG B 359 16.01 23.30 14.43
C ARG B 359 15.13 22.09 14.16
N PHE B 360 14.99 21.70 12.89
CA PHE B 360 14.01 20.70 12.52
C PHE B 360 14.61 19.36 12.12
N GLY B 361 15.93 19.27 12.04
CA GLY B 361 16.56 17.99 11.73
C GLY B 361 16.19 17.46 10.36
N PHE B 362 16.17 18.31 9.35
CA PHE B 362 15.87 17.88 8.00
C PHE B 362 17.10 17.20 7.40
N SER B 363 16.92 15.98 6.92
CA SER B 363 18.03 15.24 6.33
C SER B 363 18.53 15.93 5.06
N SER B 364 17.62 16.42 4.23
CA SER B 364 17.98 17.08 2.99
C SER B 364 17.23 18.41 2.89
N CYS B 365 17.87 19.38 2.26
CA CYS B 365 17.28 20.71 2.11
C CYS B 365 17.81 21.32 0.82
N THR B 366 16.96 21.41 -0.19
CA THR B 366 17.29 22.04 -1.46
C THR B 366 16.52 23.35 -1.54
N LEU B 367 17.24 24.46 -1.41
CA LEU B 367 16.63 25.78 -1.37
C LEU B 367 17.04 26.56 -2.61
N GLN B 368 16.09 26.81 -3.51
CA GLN B 368 16.36 27.62 -4.68
C GLN B 368 16.28 29.10 -4.31
N VAL B 369 17.36 29.83 -4.56
CA VAL B 369 17.46 31.23 -4.17
C VAL B 369 17.28 32.07 -5.42
N GLU B 370 16.10 32.66 -5.56
CA GLU B 370 15.79 33.54 -6.69
C GLU B 370 16.12 34.98 -6.31
N GLN B 371 15.67 35.92 -7.14
CA GLN B 371 15.88 37.34 -6.89
C GLN B 371 14.53 38.05 -6.85
N TYR B 372 14.38 38.98 -5.91
CA TYR B 372 13.14 39.71 -5.75
C TYR B 372 12.95 40.73 -6.87
#